data_7HPE
#
_entry.id   7HPE
#
_cell.length_a   42.720
_cell.length_b   42.720
_cell.length_c   216.890
_cell.angle_alpha   90.00
_cell.angle_beta   90.00
_cell.angle_gamma   90.00
#
_symmetry.space_group_name_H-M   'P 43 2 2'
#
loop_
_entity.id
_entity.type
_entity.pdbx_description
1 polymer 'Serine protease subunit NS2B'
2 polymer 'Serine protease NS3'
3 non-polymer 'DIMETHYL SULFOXIDE'
4 non-polymer N-(1-methyl-1H-pyrazol-4-yl)-2-[(propan-2-yl)amino]-1H-1,3-benzimidazole-6-carboxamide
5 water water
#
loop_
_entity_poly.entity_id
_entity_poly.type
_entity_poly.pdbx_seq_one_letter_code
_entity_poly.pdbx_strand_id
1 'polypeptide(L)' SMGKSVDMYIERAGDITWEKDAEVTGNSPRLDVALDESGDFSLVEE A
2 'polypeptide(L)'
;MKEVKKGETTDGVYRVMTRRLLGSTQVGVGVMQEGVFHTMWHVTKGAALRSGEGRLDPYWGDVKQDLVSYCGPWKLDAAW
DGLSEVQLLAVPPGERAKNIQTLPGIFKTKDGDIGAVALDYPAGTSGSPILDKCGRVIGLYGNGVVIKNGSYVSAITQGK
REEETPVE
;
B
#
loop_
_chem_comp.id
_chem_comp.type
_chem_comp.name
_chem_comp.formula
A1BGU non-polymer N-(1-methyl-1H-pyrazol-4-yl)-2-[(propan-2-yl)amino]-1H-1,3-benzimidazole-6-carboxamide 'C15 H18 N6 O'
DMS non-polymer 'DIMETHYL SULFOXIDE' 'C2 H6 O S'
#
# COMPACT_ATOMS: atom_id res chain seq x y z
N ASP A 7 -16.99 12.72 1.69
CA ASP A 7 -16.27 12.51 2.95
C ASP A 7 -15.79 11.07 3.02
N MET A 8 -14.48 10.88 3.22
CA MET A 8 -13.93 9.54 3.31
C MET A 8 -13.90 9.05 4.76
N TYR A 9 -14.13 7.75 4.96
CA TYR A 9 -14.13 7.13 6.28
C TYR A 9 -13.37 5.80 6.32
N ILE A 10 -12.84 5.45 7.50
CA ILE A 10 -12.08 4.22 7.67
C ILE A 10 -12.82 3.17 8.53
N GLU A 11 -12.65 1.88 8.18
CA GLU A 11 -13.25 0.70 8.85
C GLU A 11 -12.14 -0.35 9.03
N ARG A 12 -12.01 -0.94 10.22
CA ARG A 12 -10.98 -1.95 10.43
C ARG A 12 -11.18 -3.20 9.56
N ALA A 13 -10.09 -3.74 8.99
CA ALA A 13 -10.19 -4.94 8.18
C ALA A 13 -9.40 -6.15 8.71
N GLY A 14 -8.56 -5.95 9.72
CA GLY A 14 -7.80 -7.06 10.30
C GLY A 14 -6.49 -6.70 10.96
N ASP A 15 -5.76 -7.73 11.45
CA ASP A 15 -4.45 -7.55 12.08
C ASP A 15 -3.36 -7.65 11.04
N ILE A 16 -2.22 -7.02 11.28
CA ILE A 16 -1.10 -7.13 10.36
C ILE A 16 -0.17 -8.22 10.87
N THR A 17 -0.27 -9.42 10.29
N THR A 17 -0.29 -9.43 10.30
CA THR A 17 0.55 -10.56 10.69
CA THR A 17 0.43 -10.63 10.75
C THR A 17 0.99 -11.39 9.50
C THR A 17 0.90 -11.49 9.57
N TRP A 18 2.11 -12.08 9.66
CA TRP A 18 2.62 -12.97 8.63
C TRP A 18 1.84 -14.28 8.85
N GLU A 19 1.25 -14.85 7.80
CA GLU A 19 0.51 -16.10 7.95
C GLU A 19 1.26 -17.24 7.30
N LYS A 20 1.62 -18.25 8.11
CA LYS A 20 2.34 -19.41 7.59
C LYS A 20 1.44 -20.18 6.63
N ASP A 21 2.05 -20.77 5.59
CA ASP A 21 1.30 -21.54 4.61
C ASP A 21 0.21 -20.72 3.89
N ALA A 22 0.56 -19.51 3.47
CA ALA A 22 -0.37 -18.66 2.72
C ALA A 22 -0.30 -19.06 1.21
N GLU A 23 -1.25 -18.58 0.38
CA GLU A 23 -1.24 -18.87 -1.05
C GLU A 23 0.01 -18.26 -1.69
N VAL A 24 0.94 -19.10 -2.20
CA VAL A 24 2.18 -18.59 -2.79
C VAL A 24 2.06 -18.45 -4.31
N THR A 25 2.00 -17.23 -4.82
CA THR A 25 1.84 -16.98 -6.26
C THR A 25 2.65 -15.73 -6.71
N GLY A 26 2.60 -15.40 -8.00
CA GLY A 26 3.30 -14.23 -8.53
C GLY A 26 4.75 -14.49 -8.89
N ASN A 27 5.19 -13.86 -9.99
CA ASN A 27 6.57 -13.97 -10.50
C ASN A 27 7.48 -12.80 -9.98
N SER A 28 8.78 -12.72 -10.39
CA SER A 28 9.72 -11.67 -9.93
C SER A 28 10.42 -10.94 -11.09
N PRO A 29 9.72 -10.07 -11.81
CA PRO A 29 10.35 -9.45 -13.00
C PRO A 29 11.26 -8.26 -12.69
N ARG A 30 12.37 -8.15 -13.46
CA ARG A 30 13.32 -7.04 -13.37
C ARG A 30 12.96 -6.09 -14.51
N LEU A 31 12.33 -4.97 -14.16
CA LEU A 31 11.81 -3.98 -15.10
C LEU A 31 12.52 -2.64 -15.02
N ASP A 32 12.89 -2.05 -16.17
CA ASP A 32 13.49 -0.72 -16.25
C ASP A 32 12.32 0.29 -16.23
N VAL A 33 12.24 1.17 -15.22
CA VAL A 33 11.14 2.14 -15.11
C VAL A 33 11.63 3.61 -14.87
N ALA A 34 10.72 4.59 -15.06
CA ALA A 34 10.96 6.01 -14.78
C ALA A 34 9.83 6.54 -13.91
N LEU A 35 10.15 7.40 -12.95
CA LEU A 35 9.14 7.96 -12.05
C LEU A 35 9.04 9.43 -12.43
N ASP A 36 7.83 9.91 -12.71
CA ASP A 36 7.67 11.30 -13.11
C ASP A 36 7.34 12.22 -11.87
N GLU A 37 7.31 13.54 -12.09
CA GLU A 37 7.04 14.49 -11.01
C GLU A 37 5.68 14.27 -10.33
N SER A 38 4.70 13.69 -11.04
CA SER A 38 3.38 13.42 -10.46
C SER A 38 3.28 12.06 -9.75
N GLY A 39 4.40 11.37 -9.56
CA GLY A 39 4.37 10.06 -8.88
C GLY A 39 3.91 8.92 -9.75
N ASP A 40 3.99 9.07 -11.09
CA ASP A 40 3.58 8.01 -12.00
C ASP A 40 4.77 7.25 -12.58
N PHE A 41 4.70 5.93 -12.48
CA PHE A 41 5.73 5.07 -13.04
C PHE A 41 5.41 4.80 -14.49
N SER A 42 6.44 4.62 -15.30
CA SER A 42 6.28 4.30 -16.70
C SER A 42 7.37 3.32 -17.14
N LEU A 43 7.07 2.49 -18.14
CA LEU A 43 8.05 1.54 -18.64
C LEU A 43 9.08 2.21 -19.50
N VAL A 44 10.33 1.89 -19.24
CA VAL A 44 11.44 2.34 -20.06
C VAL A 44 11.93 1.07 -20.76
N GLU A 45 12.03 1.10 -22.09
CA GLU A 45 12.49 -0.08 -22.83
C GLU A 45 13.60 0.22 -23.82
N GLY B 7 -11.90 8.32 16.79
CA GLY B 7 -12.60 7.08 17.09
C GLY B 7 -11.68 5.87 17.23
N GLU B 8 -11.74 4.93 16.26
CA GLU B 8 -10.92 3.73 16.28
C GLU B 8 -9.41 4.00 16.05
N THR B 9 -8.58 3.76 17.07
N THR B 9 -8.62 3.74 17.10
CA THR B 9 -7.14 3.99 16.94
CA THR B 9 -7.18 3.98 17.17
C THR B 9 -6.28 2.72 17.04
C THR B 9 -6.32 2.71 17.21
N THR B 10 -6.91 1.53 17.05
CA THR B 10 -6.20 0.26 17.16
C THR B 10 -5.24 0.00 15.98
N ASP B 11 -4.03 -0.55 16.27
CA ASP B 11 -3.10 -0.94 15.21
C ASP B 11 -3.78 -1.96 14.28
N GLY B 12 -3.44 -1.97 13.00
CA GLY B 12 -4.07 -2.88 12.06
C GLY B 12 -4.27 -2.30 10.68
N VAL B 13 -4.88 -3.07 9.79
CA VAL B 13 -5.16 -2.65 8.42
C VAL B 13 -6.61 -2.14 8.33
N TYR B 14 -6.85 -1.05 7.60
CA TYR B 14 -8.18 -0.46 7.50
C TYR B 14 -8.60 -0.26 6.05
N ARG B 15 -9.91 -0.20 5.80
CA ARG B 15 -10.44 0.13 4.50
C ARG B 15 -10.75 1.62 4.51
N VAL B 16 -10.57 2.29 3.36
CA VAL B 16 -10.87 3.69 3.12
C VAL B 16 -12.07 3.69 2.13
N MET B 17 -13.19 4.21 2.59
CA MET B 17 -14.47 4.19 1.89
C MET B 17 -15.05 5.59 1.63
N THR B 18 -16.05 5.69 0.74
CA THR B 18 -16.74 6.94 0.46
C THR B 18 -18.22 6.69 0.15
N ARG B 19 -19.10 7.60 0.59
CA ARG B 19 -20.52 7.51 0.28
C ARG B 19 -20.95 8.56 -0.80
N ARG B 20 -19.95 9.17 -1.52
CA ARG B 20 -20.11 10.19 -2.55
C ARG B 20 -20.62 9.59 -3.88
N LEU B 21 -20.15 8.39 -4.22
CA LEU B 21 -20.59 7.70 -5.43
C LEU B 21 -21.82 6.80 -5.10
N LEU B 22 -22.16 5.80 -5.94
CA LEU B 22 -23.31 4.92 -5.67
C LEU B 22 -22.97 3.99 -4.51
N GLY B 23 -23.87 3.91 -3.51
CA GLY B 23 -23.68 3.09 -2.32
C GLY B 23 -22.40 3.43 -1.57
N SER B 24 -21.76 2.42 -0.95
CA SER B 24 -20.49 2.64 -0.25
C SER B 24 -19.41 2.06 -1.15
N THR B 25 -18.40 2.85 -1.50
CA THR B 25 -17.35 2.39 -2.41
C THR B 25 -15.96 2.43 -1.75
N GLN B 26 -15.18 1.33 -1.88
CA GLN B 26 -13.84 1.31 -1.30
C GLN B 26 -12.83 1.93 -2.24
N VAL B 27 -12.22 3.06 -1.86
CA VAL B 27 -11.22 3.71 -2.72
C VAL B 27 -9.79 3.21 -2.46
N GLY B 28 -9.55 2.68 -1.26
CA GLY B 28 -8.21 2.21 -0.90
C GLY B 28 -8.19 1.59 0.48
N VAL B 29 -6.96 1.32 0.93
CA VAL B 29 -6.59 0.64 2.19
C VAL B 29 -5.50 1.46 2.87
N GLY B 30 -5.38 1.31 4.18
CA GLY B 30 -4.33 1.97 4.94
C GLY B 30 -3.87 1.17 6.15
N VAL B 31 -2.79 1.61 6.79
CA VAL B 31 -2.22 0.97 7.97
C VAL B 31 -2.24 1.91 9.18
N MET B 32 -2.71 1.43 10.33
CA MET B 32 -2.70 2.22 11.55
C MET B 32 -1.55 1.66 12.39
N GLN B 33 -0.63 2.51 12.83
CA GLN B 33 0.52 2.05 13.62
C GLN B 33 1.02 3.19 14.46
N GLU B 34 1.20 2.97 15.76
CA GLU B 34 1.66 4.03 16.65
C GLU B 34 0.80 5.34 16.56
N GLY B 35 -0.52 5.18 16.48
CA GLY B 35 -1.43 6.33 16.43
C GLY B 35 -1.49 7.06 15.09
N VAL B 36 -0.68 6.65 14.08
CA VAL B 36 -0.59 7.27 12.76
C VAL B 36 -1.22 6.41 11.65
N PHE B 37 -2.10 7.03 10.83
CA PHE B 37 -2.72 6.31 9.74
C PHE B 37 -1.87 6.54 8.46
N HIS B 38 -1.43 5.48 7.78
CA HIS B 38 -0.58 5.57 6.60
C HIS B 38 -1.33 5.06 5.37
N THR B 39 -1.37 5.83 4.28
CA THR B 39 -2.00 5.35 3.05
C THR B 39 -1.25 5.92 1.83
N MET B 40 -1.74 5.63 0.61
CA MET B 40 -1.16 6.20 -0.60
C MET B 40 -1.90 7.51 -0.95
N TRP B 41 -1.16 8.51 -1.47
CA TRP B 41 -1.74 9.81 -1.81
CA TRP B 41 -1.74 9.82 -1.81
C TRP B 41 -2.90 9.73 -2.79
N HIS B 42 -2.78 8.90 -3.85
CA HIS B 42 -3.88 8.82 -4.83
C HIS B 42 -5.22 8.29 -4.27
N VAL B 43 -5.20 7.73 -3.06
CA VAL B 43 -6.42 7.23 -2.45
C VAL B 43 -7.24 8.38 -1.88
N THR B 44 -6.62 9.21 -1.03
CA THR B 44 -7.34 10.29 -0.37
C THR B 44 -7.17 11.65 -1.02
N LYS B 45 -6.16 11.83 -1.87
CA LYS B 45 -5.79 13.11 -2.49
C LYS B 45 -5.42 14.13 -1.41
N GLY B 46 -5.00 13.67 -0.21
CA GLY B 46 -4.70 14.51 0.93
C GLY B 46 -5.92 14.96 1.71
N ALA B 47 -7.14 14.53 1.34
CA ALA B 47 -8.37 14.97 2.07
C ALA B 47 -8.48 14.35 3.47
N ALA B 48 -9.17 15.03 4.40
CA ALA B 48 -9.36 14.56 5.77
C ALA B 48 -10.22 13.29 5.82
N LEU B 49 -10.03 12.46 6.87
CA LEU B 49 -10.76 11.22 7.03
C LEU B 49 -11.60 11.20 8.31
N ARG B 50 -12.58 10.31 8.36
CA ARG B 50 -13.45 10.13 9.51
C ARG B 50 -13.24 8.68 10.04
N SER B 51 -13.13 8.53 11.36
CA SER B 51 -12.99 7.22 11.98
C SER B 51 -14.06 7.18 13.04
N GLY B 52 -15.19 6.53 12.73
CA GLY B 52 -16.33 6.52 13.64
C GLY B 52 -16.88 7.93 13.77
N GLU B 53 -16.78 8.51 14.98
CA GLU B 53 -17.21 9.90 15.17
C GLU B 53 -16.02 10.89 15.32
N GLY B 54 -14.81 10.46 14.98
CA GLY B 54 -13.61 11.30 15.07
C GLY B 54 -13.04 11.71 13.71
N ARG B 55 -12.13 12.70 13.73
CA ARG B 55 -11.53 13.21 12.51
C ARG B 55 -10.03 12.95 12.47
N LEU B 56 -9.54 12.50 11.33
CA LEU B 56 -8.11 12.29 11.12
C LEU B 56 -7.66 13.34 10.10
N ASP B 57 -6.79 14.25 10.52
CA ASP B 57 -6.27 15.29 9.63
C ASP B 57 -4.92 14.85 9.09
N PRO B 58 -4.61 15.17 7.83
CA PRO B 58 -3.29 14.84 7.30
C PRO B 58 -2.18 15.58 8.06
N TYR B 59 -1.00 15.01 8.07
CA TYR B 59 0.16 15.57 8.78
C TYR B 59 1.32 15.70 7.79
N TRP B 60 1.54 14.70 6.94
CA TRP B 60 2.64 14.73 5.97
C TRP B 60 2.18 14.10 4.67
N GLY B 61 2.70 14.59 3.56
CA GLY B 61 2.38 13.96 2.27
C GLY B 61 3.32 14.39 1.16
N ASP B 62 3.46 13.57 0.14
CA ASP B 62 4.32 13.88 -0.99
C ASP B 62 3.71 13.16 -2.20
N VAL B 63 3.37 13.90 -3.26
CA VAL B 63 2.74 13.32 -4.45
C VAL B 63 3.75 12.47 -5.25
N LYS B 64 5.04 12.83 -5.22
CA LYS B 64 6.05 12.02 -5.94
C LYS B 64 6.26 10.65 -5.29
N GLN B 65 6.32 10.61 -3.94
CA GLN B 65 6.43 9.32 -3.24
C GLN B 65 5.08 8.56 -3.22
N ASP B 66 3.95 9.28 -3.50
CA ASP B 66 2.57 8.78 -3.50
C ASP B 66 2.21 8.27 -2.11
N LEU B 67 2.62 8.98 -1.05
CA LEU B 67 2.33 8.59 0.33
C LEU B 67 1.77 9.72 1.13
N VAL B 68 0.99 9.40 2.17
CA VAL B 68 0.39 10.41 3.05
C VAL B 68 0.21 9.78 4.45
N SER B 69 0.47 10.55 5.50
CA SER B 69 0.33 10.08 6.88
C SER B 69 -0.65 11.03 7.60
N TYR B 70 -1.47 10.48 8.51
CA TYR B 70 -2.51 11.23 9.24
C TYR B 70 -2.25 11.14 10.74
N CYS B 71 -2.47 12.23 11.48
CA CYS B 71 -2.33 12.36 12.95
C CYS B 71 -0.88 12.44 13.43
N GLY B 72 0.07 12.08 12.58
CA GLY B 72 1.47 12.16 12.96
C GLY B 72 2.40 11.85 11.81
N PRO B 73 3.71 11.90 12.09
CA PRO B 73 4.70 11.61 11.03
C PRO B 73 4.74 10.13 10.63
N TRP B 74 5.24 9.84 9.40
CA TRP B 74 5.40 8.47 8.89
C TRP B 74 6.20 7.61 9.89
N LYS B 75 5.60 6.46 10.33
CA LYS B 75 6.16 5.54 11.34
C LYS B 75 6.79 4.26 10.76
N LEU B 76 6.41 3.86 9.54
CA LEU B 76 6.89 2.61 8.94
C LEU B 76 8.30 2.74 8.43
N ASP B 77 9.24 1.97 8.99
CA ASP B 77 10.65 2.08 8.61
C ASP B 77 11.31 0.78 8.16
N ALA B 78 10.57 -0.35 8.06
CA ALA B 78 11.17 -1.61 7.63
C ALA B 78 11.46 -1.64 6.13
N ALA B 79 12.49 -2.39 5.74
CA ALA B 79 12.88 -2.50 4.35
C ALA B 79 12.93 -3.97 3.85
N TRP B 80 12.65 -4.19 2.55
CA TRP B 80 12.77 -5.50 1.95
C TRP B 80 14.30 -5.78 1.87
N ASP B 81 14.74 -7.00 2.25
CA ASP B 81 16.17 -7.29 2.28
C ASP B 81 16.80 -7.65 0.94
N GLY B 82 16.00 -7.70 -0.12
CA GLY B 82 16.45 -8.04 -1.46
C GLY B 82 16.55 -9.53 -1.74
N LEU B 83 16.32 -10.37 -0.72
CA LEU B 83 16.41 -11.80 -0.84
C LEU B 83 15.15 -12.60 -0.51
N SER B 84 14.46 -12.26 0.59
CA SER B 84 13.33 -13.07 1.05
C SER B 84 12.01 -12.81 0.35
N GLU B 85 11.14 -13.81 0.38
CA GLU B 85 9.76 -13.70 -0.08
C GLU B 85 9.02 -12.81 0.95
N VAL B 86 7.96 -12.18 0.50
CA VAL B 86 7.20 -11.25 1.31
C VAL B 86 5.69 -11.57 1.21
N GLN B 87 4.88 -10.97 2.07
CA GLN B 87 3.44 -11.17 2.02
C GLN B 87 2.68 -9.89 1.76
N LEU B 88 1.81 -9.89 0.76
CA LEU B 88 0.94 -8.77 0.49
C LEU B 88 -0.33 -9.07 1.27
N LEU B 89 -0.58 -8.33 2.34
CA LEU B 89 -1.83 -8.49 3.07
C LEU B 89 -2.82 -7.66 2.26
N ALA B 90 -3.45 -8.31 1.25
CA ALA B 90 -4.37 -7.62 0.34
C ALA B 90 -5.72 -7.44 1.03
N VAL B 91 -6.33 -6.24 0.88
CA VAL B 91 -7.68 -6.01 1.41
C VAL B 91 -8.59 -5.56 0.24
N PRO B 92 -9.13 -6.53 -0.54
CA PRO B 92 -9.92 -6.17 -1.73
C PRO B 92 -11.33 -5.67 -1.46
N PRO B 93 -11.89 -4.89 -2.40
CA PRO B 93 -13.24 -4.33 -2.16
C PRO B 93 -14.32 -5.38 -2.07
N GLY B 94 -15.03 -5.38 -0.94
CA GLY B 94 -16.11 -6.32 -0.65
C GLY B 94 -15.65 -7.72 -0.29
N GLU B 95 -14.34 -7.93 -0.14
CA GLU B 95 -13.76 -9.25 0.17
C GLU B 95 -12.92 -9.13 1.45
N ARG B 96 -12.78 -10.25 2.16
CA ARG B 96 -12.03 -10.33 3.40
C ARG B 96 -10.52 -10.15 3.18
N ALA B 97 -9.80 -9.71 4.21
CA ALA B 97 -8.34 -9.59 4.20
C ALA B 97 -7.72 -10.97 3.87
N LYS B 98 -6.75 -11.00 2.96
CA LYS B 98 -6.11 -12.23 2.48
C LYS B 98 -4.60 -12.01 2.25
N ASN B 99 -3.75 -12.84 2.89
CA ASN B 99 -2.29 -12.76 2.77
C ASN B 99 -1.85 -13.56 1.55
N ILE B 100 -1.02 -13.00 0.72
CA ILE B 100 -0.53 -13.67 -0.48
C ILE B 100 0.97 -13.57 -0.49
N GLN B 101 1.67 -14.69 -0.53
CA GLN B 101 3.11 -14.71 -0.48
C GLN B 101 3.68 -14.74 -1.88
N THR B 102 4.77 -13.98 -2.11
CA THR B 102 5.44 -13.87 -3.40
C THR B 102 6.89 -13.43 -3.19
N LEU B 103 7.77 -13.63 -4.20
CA LEU B 103 9.13 -13.14 -4.12
C LEU B 103 9.13 -11.88 -5.00
N PRO B 104 9.48 -10.73 -4.44
CA PRO B 104 9.45 -9.50 -5.26
C PRO B 104 10.51 -9.46 -6.34
N GLY B 105 10.14 -8.80 -7.42
CA GLY B 105 11.02 -8.45 -8.52
C GLY B 105 11.67 -7.10 -8.22
N ILE B 106 12.15 -6.41 -9.27
CA ILE B 106 12.84 -5.13 -9.13
C ILE B 106 12.30 -4.08 -10.12
N PHE B 107 12.34 -2.81 -9.72
CA PHE B 107 12.04 -1.67 -10.55
C PHE B 107 13.39 -0.98 -10.59
N LYS B 108 14.05 -0.98 -11.76
CA LYS B 108 15.33 -0.33 -11.92
C LYS B 108 15.03 1.09 -12.36
N THR B 109 15.50 2.09 -11.61
CA THR B 109 15.30 3.50 -11.96
C THR B 109 16.67 4.20 -12.01
N LYS B 110 16.73 5.45 -12.50
CA LYS B 110 17.96 6.23 -12.52
C LYS B 110 18.44 6.62 -11.09
N ASP B 111 17.57 6.48 -10.07
CA ASP B 111 17.91 6.85 -8.70
C ASP B 111 18.00 5.65 -7.75
N GLY B 112 18.04 4.42 -8.28
CA GLY B 112 18.14 3.22 -7.46
C GLY B 112 17.08 2.17 -7.73
N ASP B 113 17.31 0.95 -7.25
CA ASP B 113 16.36 -0.13 -7.43
C ASP B 113 15.31 -0.10 -6.31
N ILE B 114 14.11 -0.57 -6.62
CA ILE B 114 13.02 -0.64 -5.65
C ILE B 114 12.42 -2.02 -5.79
N GLY B 115 12.01 -2.62 -4.68
CA GLY B 115 11.31 -3.90 -4.72
C GLY B 115 9.96 -3.72 -5.39
N ALA B 116 9.44 -4.78 -6.01
CA ALA B 116 8.18 -4.71 -6.71
C ALA B 116 7.41 -6.04 -6.65
N VAL B 117 6.12 -5.98 -6.31
CA VAL B 117 5.30 -7.18 -6.24
CA VAL B 117 5.24 -7.14 -6.18
C VAL B 117 4.47 -7.35 -7.51
N ALA B 118 4.56 -8.55 -8.13
CA ALA B 118 3.86 -8.79 -9.39
C ALA B 118 2.45 -9.33 -9.22
N LEU B 119 1.75 -8.88 -8.17
CA LEU B 119 0.38 -9.30 -7.92
C LEU B 119 -0.56 -8.23 -8.46
N ASP B 120 -1.64 -8.65 -9.11
CA ASP B 120 -2.59 -7.72 -9.68
C ASP B 120 -3.92 -7.75 -8.93
N TYR B 121 -4.33 -6.59 -8.42
CA TYR B 121 -5.56 -6.37 -7.63
C TYR B 121 -6.20 -5.06 -8.07
N PRO B 122 -7.53 -4.90 -7.89
CA PRO B 122 -8.19 -3.65 -8.30
C PRO B 122 -7.58 -2.41 -7.66
N ALA B 123 -7.78 -1.24 -8.27
CA ALA B 123 -7.25 0.01 -7.73
C ALA B 123 -7.74 0.28 -6.28
N GLY B 124 -8.92 -0.24 -5.93
CA GLY B 124 -9.48 -0.13 -4.58
C GLY B 124 -8.65 -0.84 -3.51
N THR B 125 -7.73 -1.72 -3.95
CA THR B 125 -6.84 -2.45 -3.05
C THR B 125 -5.61 -1.56 -2.63
N SER B 126 -5.34 -0.41 -3.32
CA SER B 126 -4.21 0.49 -3.03
C SER B 126 -4.09 0.90 -1.58
N GLY B 127 -2.91 0.75 -1.01
CA GLY B 127 -2.66 1.06 0.39
C GLY B 127 -2.47 -0.18 1.26
N SER B 128 -2.84 -1.36 0.75
CA SER B 128 -2.64 -2.64 1.43
C SER B 128 -1.15 -2.85 1.75
N PRO B 129 -0.82 -3.21 3.01
CA PRO B 129 0.59 -3.44 3.37
C PRO B 129 1.28 -4.70 2.85
N ILE B 130 2.59 -4.58 2.67
CA ILE B 130 3.48 -5.66 2.28
C ILE B 130 4.36 -5.92 3.50
N LEU B 131 4.48 -7.18 3.90
CA LEU B 131 5.16 -7.61 5.13
C LEU B 131 6.37 -8.53 4.98
N ASP B 132 7.30 -8.46 5.97
CA ASP B 132 8.46 -9.35 6.09
C ASP B 132 8.17 -10.51 7.12
N LYS B 133 9.12 -11.45 7.31
CA LYS B 133 8.95 -12.61 8.20
C LYS B 133 8.48 -12.29 9.62
N CYS B 134 8.90 -11.14 10.20
CA CYS B 134 8.44 -10.79 11.55
C CYS B 134 7.14 -10.04 11.59
N GLY B 135 6.50 -9.85 10.45
CA GLY B 135 5.25 -9.11 10.35
C GLY B 135 5.40 -7.60 10.25
N ARG B 136 6.64 -7.10 10.09
CA ARG B 136 6.87 -5.65 9.96
C ARG B 136 6.51 -5.12 8.56
N VAL B 137 5.91 -3.89 8.48
CA VAL B 137 5.51 -3.33 7.20
C VAL B 137 6.67 -2.71 6.44
N ILE B 138 7.10 -3.36 5.37
CA ILE B 138 8.19 -2.92 4.50
C ILE B 138 7.73 -2.00 3.35
N GLY B 139 6.41 -1.79 3.20
CA GLY B 139 5.91 -0.91 2.16
C GLY B 139 4.42 -1.04 1.90
N LEU B 140 3.88 -0.21 0.99
CA LEU B 140 2.49 -0.20 0.55
C LEU B 140 2.40 -0.48 -0.94
N TYR B 141 1.33 -1.17 -1.32
CA TYR B 141 0.98 -1.62 -2.65
C TYR B 141 0.02 -0.65 -3.33
N GLY B 142 0.18 -0.45 -4.63
CA GLY B 142 -0.75 0.40 -5.37
C GLY B 142 -0.19 1.38 -6.37
N ASN B 143 1.15 1.57 -6.39
CA ASN B 143 1.74 2.49 -7.35
C ASN B 143 2.70 1.71 -8.20
N GLY B 144 2.32 1.46 -9.43
CA GLY B 144 3.16 0.69 -10.32
C GLY B 144 2.96 0.95 -11.79
N VAL B 145 3.07 -0.13 -12.57
CA VAL B 145 3.03 -0.02 -14.01
C VAL B 145 2.24 -1.15 -14.68
N VAL B 146 1.81 -0.93 -15.92
CA VAL B 146 1.11 -1.93 -16.69
C VAL B 146 2.14 -2.53 -17.64
N ILE B 147 2.38 -3.84 -17.54
CA ILE B 147 3.38 -4.50 -18.37
C ILE B 147 2.81 -4.98 -19.73
N LYS B 148 3.67 -5.53 -20.63
CA LYS B 148 3.29 -6.02 -21.97
C LYS B 148 2.01 -6.85 -22.01
N ASN B 149 1.87 -7.82 -21.09
CA ASN B 149 0.70 -8.67 -21.09
C ASN B 149 -0.54 -8.08 -20.37
N GLY B 150 -0.53 -6.76 -20.15
CA GLY B 150 -1.66 -6.05 -19.55
C GLY B 150 -1.82 -6.14 -18.05
N SER B 151 -1.02 -6.99 -17.38
CA SER B 151 -1.08 -7.17 -15.92
CA SER B 151 -1.13 -7.13 -15.93
C SER B 151 -0.44 -5.98 -15.18
N TYR B 152 -0.81 -5.77 -13.90
CA TYR B 152 -0.26 -4.68 -13.08
C TYR B 152 0.85 -5.18 -12.19
N VAL B 153 1.94 -4.39 -12.09
CA VAL B 153 3.06 -4.72 -11.22
C VAL B 153 3.30 -3.48 -10.35
N SER B 154 3.19 -3.62 -9.04
CA SER B 154 3.31 -2.48 -8.13
C SER B 154 4.67 -2.44 -7.46
N ALA B 155 5.13 -1.23 -7.13
CA ALA B 155 6.34 -1.06 -6.36
C ALA B 155 6.02 -1.38 -4.87
N ILE B 156 7.07 -1.66 -4.10
CA ILE B 156 6.94 -1.77 -2.66
C ILE B 156 7.28 -0.31 -2.24
N THR B 157 6.25 0.49 -1.93
CA THR B 157 6.47 1.90 -1.56
C THR B 157 6.59 2.15 -0.06
N GLN B 158 7.77 2.58 0.39
CA GLN B 158 8.05 2.84 1.78
C GLN B 158 8.43 4.34 2.00
N GLY B 159 7.97 4.91 3.11
CA GLY B 159 8.29 6.27 3.49
C GLY B 159 9.53 6.34 4.35
N LYS B 160 9.88 7.55 4.79
CA LYS B 160 11.06 7.78 5.63
C LYS B 160 10.59 8.12 7.05
N ARG B 161 11.19 7.49 8.06
CA ARG B 161 10.82 7.77 9.45
C ARG B 161 11.89 8.72 10.00
N GLU B 162 11.48 9.88 10.51
CA GLU B 162 12.44 10.89 11.01
C GLU B 162 12.91 10.59 12.43
S DMS C . -8.53 18.17 -0.74
O DMS C . -7.51 17.87 0.26
C1 DMS C . -10.09 18.03 0.08
C2 DMS C . -8.67 16.73 -1.77
N1 A1BGU D . -5.27 -3.70 -12.66
N3 A1BGU D . -2.68 3.25 -9.12
C4 A1BGU D . -4.88 -2.63 -11.92
C5 A1BGU D . -4.30 -1.40 -10.27
C6 A1BGU D . -3.90 -0.87 -9.05
C7 A1BGU D . -3.64 0.47 -8.97
C8 A1BGU D . -3.85 1.33 -10.06
C10 A1BGU D . -2.22 4.57 -9.02
C13 A1BGU D . -2.77 5.73 -9.56
C15 A1BGU D . -4.47 -0.55 -11.37
C1 A1BGU D . -3.99 -3.57 -14.74
C2 A1BGU D . -5.36 -3.70 -14.12
C3 A1BGU D . -6.08 -4.94 -14.59
N2 A1BGU D . -4.59 -2.71 -10.64
C9 A1BGU D . -3.63 2.80 -10.00
O1 A1BGU D . -4.22 3.55 -10.76
C11 A1BGU D . -1.09 5.01 -8.31
N4 A1BGU D . -0.90 6.32 -8.42
N5 A1BGU D . -1.95 6.75 -9.19
C12 A1BGU D . -2.08 8.17 -9.50
C14 A1BGU D . -4.24 0.81 -11.28
N6 A1BGU D . -4.89 -1.36 -12.41
#